data_2YOK
#
_entry.id   2YOK
#
_cell.length_a   56.734
_cell.length_b   69.187
_cell.length_c   90.569
_cell.angle_alpha   90.00
_cell.angle_beta   90.00
_cell.angle_gamma   90.00
#
_symmetry.space_group_name_H-M   'P 21 21 21'
#
loop_
_entity.id
_entity.type
_entity.pdbx_description
1 polymer 'EXOGLUCANASE 1'
2 non-polymer 2-acetamido-2-deoxy-beta-D-glucopyranose
3 non-polymer 2-{2-[2-(2-{2-[2-(2-ETHOXY-ETHOXY)-ETHOXY]-ETHOXY}-ETHOXY)-ETHOXY]-ETHOXY}-ETHANOL
4 non-polymer DI(HYDROXYETHYL)ETHER
5 water water
#
_entity_poly.entity_id   1
_entity_poly.type   'polypeptide(L)'
_entity_poly.pdbx_seq_one_letter_code
;(PCA)QVCTQQAETHPPLTWQKCTASGCTPQQGSVVLDANWRWTHDTKSTTNCYDGNTWSSTLCPDDATCAKNCCLDGAN
YSGTYGVTTSGDALTLQFVTASNVGSRLYLMANDSTYQEFTLSGNEFSFDVDVSQLPCGLNGALYFVSMDADGGQSKYPG
NAAGAKYGTGYCDSQCPRDLKFINGQANVEGWEPSSNNANTGVGGHGSCCSEMDIWEANSISEALTPHPCETVGQTMCSG
DSCGGTYSNDRYGGTCDPDGCDWNPYRLGNTSFYGPGSSFALDTTKKLTVVTQFATDGSISRYYVQNGVKFQQPNAQVGS
YSGNTINTDYCAAEQTAFGGTSFTDKGGLAQINKAFQGGMVLVMSLWDDYAVNMLWLDSTYPTNATASTPGAKRGSCSTS
SGVPAQVEAQSPNSKVIYSNIRFGPIGSTG
;
_entity_poly.pdbx_strand_id   A
#
loop_
_chem_comp.id
_chem_comp.type
_chem_comp.name
_chem_comp.formula
NAG D-saccharide, beta linking 2-acetamido-2-deoxy-beta-D-glucopyranose 'C8 H15 N O6'
PE4 non-polymer 2-{2-[2-(2-{2-[2-(2-ETHOXY-ETHOXY)-ETHOXY]-ETHOXY}-ETHOXY)-ETHOXY]-ETHOXY}-ETHANOL 'C16 H34 O8'
PEG non-polymer DI(HYDROXYETHYL)ETHER 'C4 H10 O3'
#
# COMPACT_ATOMS: atom_id res chain seq x y z
N PCA A 1 -4.27 21.24 -4.40
CA PCA A 1 -5.73 21.39 -4.22
CB PCA A 1 -6.19 19.94 -3.98
CG PCA A 1 -4.94 19.18 -3.55
CD PCA A 1 -3.82 20.06 -4.03
OE PCA A 1 -2.64 19.72 -4.04
C PCA A 1 -6.08 22.23 -3.00
O PCA A 1 -5.30 22.30 -2.06
N GLN A 2 -7.26 22.86 -3.05
CA GLN A 2 -7.80 23.64 -1.96
C GLN A 2 -8.62 22.75 -1.00
N VAL A 3 -9.20 23.37 0.03
CA VAL A 3 -10.00 22.69 1.04
C VAL A 3 -11.42 23.27 1.04
N CYS A 4 -12.42 22.39 1.00
CA CYS A 4 -13.81 22.80 1.24
C CYS A 4 -14.40 21.97 2.34
N THR A 5 -15.54 22.45 2.85
CA THR A 5 -16.11 21.88 4.05
C THR A 5 -17.62 21.70 3.93
N GLN A 6 -18.09 21.35 2.74
CA GLN A 6 -19.47 20.86 2.64
C GLN A 6 -19.66 19.69 3.64
N GLN A 7 -18.60 18.89 3.82
CA GLN A 7 -18.56 17.79 4.79
C GLN A 7 -17.38 18.06 5.70
N ALA A 8 -17.60 17.99 7.02
CA ALA A 8 -16.51 18.18 7.98
C ALA A 8 -15.54 17.01 7.81
N GLU A 9 -14.25 17.27 8.03
CA GLU A 9 -13.24 16.23 8.03
C GLU A 9 -12.79 15.93 9.44
N THR A 10 -13.13 14.71 9.87
CA THR A 10 -12.81 14.24 11.20
C THR A 10 -12.09 12.92 11.06
N HIS A 11 -10.81 12.89 11.40
CA HIS A 11 -10.03 11.67 11.21
C HIS A 11 -10.41 10.63 12.27
N PRO A 12 -10.81 9.42 11.85
CA PRO A 12 -11.13 8.40 12.88
C PRO A 12 -9.94 8.15 13.79
N PRO A 13 -10.13 8.17 15.12
CA PRO A 13 -9.03 7.88 16.05
CA PRO A 13 -9.05 7.88 16.05
C PRO A 13 -8.56 6.43 15.98
N LEU A 14 -7.27 6.24 16.26
CA LEU A 14 -6.70 4.90 16.26
C LEU A 14 -5.55 4.90 17.21
N THR A 15 -5.61 4.06 18.23
CA THR A 15 -4.47 3.93 19.13
CA THR A 15 -4.53 3.86 19.18
C THR A 15 -3.50 2.87 18.63
N TRP A 16 -2.23 3.10 18.93
CA TRP A 16 -1.16 2.17 18.60
C TRP A 16 -0.15 2.31 19.71
N GLN A 17 0.80 1.39 19.79
CA GLN A 17 1.78 1.56 20.83
CA GLN A 17 1.77 1.38 20.86
C GLN A 17 3.20 1.63 20.41
N LYS A 18 3.88 2.47 21.19
CA LYS A 18 5.32 2.69 21.06
CA LYS A 18 5.32 2.71 21.06
C LYS A 18 5.99 1.93 22.18
N CYS A 19 7.03 1.19 21.84
CA CYS A 19 7.63 0.26 22.77
C CYS A 19 9.10 0.50 22.95
N THR A 20 9.58 0.17 24.14
CA THR A 20 11.02 0.10 24.47
C THR A 20 11.31 -1.21 25.19
N ALA A 21 12.57 -1.40 25.59
CA ALA A 21 12.92 -2.57 26.40
C ALA A 21 12.10 -2.65 27.68
N SER A 22 11.62 -1.49 28.16
CA SER A 22 10.84 -1.38 29.38
C SER A 22 9.36 -1.71 29.20
N GLY A 23 8.85 -1.61 27.98
CA GLY A 23 7.42 -1.85 27.78
C GLY A 23 6.85 -1.02 26.63
N CYS A 24 5.54 -1.12 26.47
CA CYS A 24 4.82 -0.41 25.41
C CYS A 24 3.88 0.60 26.05
N THR A 25 3.73 1.76 25.42
CA THR A 25 2.76 2.75 25.86
C THR A 25 1.84 3.20 24.73
N PRO A 26 0.54 3.35 25.01
CA PRO A 26 -0.39 3.73 23.94
C PRO A 26 -0.24 5.17 23.49
N GLN A 27 -0.41 5.36 22.19
CA GLN A 27 -0.33 6.62 21.52
C GLN A 27 -1.68 6.95 20.87
N GLN A 28 -2.11 8.20 20.96
N GLN A 28 -2.01 8.24 20.83
CA GLN A 28 -3.39 8.57 20.35
CA GLN A 28 -3.33 8.68 20.39
C GLN A 28 -3.08 9.02 18.96
C GLN A 28 -3.30 9.11 18.92
N GLY A 29 -3.36 8.14 18.01
CA GLY A 29 -3.24 8.42 16.61
C GLY A 29 -4.62 8.56 15.96
N SER A 30 -4.61 8.64 14.64
CA SER A 30 -5.81 8.79 13.85
C SER A 30 -5.45 8.41 12.42
N VAL A 31 -6.45 8.23 11.58
CA VAL A 31 -6.22 7.88 10.19
C VAL A 31 -6.92 8.87 9.28
N VAL A 32 -6.39 9.03 8.09
CA VAL A 32 -6.92 9.94 7.08
C VAL A 32 -7.06 9.24 5.72
N LEU A 33 -8.19 9.50 5.06
CA LEU A 33 -8.42 8.92 3.73
C LEU A 33 -7.60 9.65 2.65
N ASP A 34 -7.00 8.85 1.78
CA ASP A 34 -6.28 9.37 0.62
C ASP A 34 -7.16 10.28 -0.23
N ALA A 35 -6.56 11.39 -0.69
CA ALA A 35 -7.26 12.45 -1.39
C ALA A 35 -8.04 11.95 -2.64
N ASN A 36 -7.54 10.91 -3.27
CA ASN A 36 -8.11 10.34 -4.54
CA ASN A 36 -8.14 10.39 -4.52
C ASN A 36 -9.52 9.80 -4.36
N TRP A 37 -9.85 9.39 -3.13
CA TRP A 37 -11.18 8.88 -2.83
C TRP A 37 -12.22 9.99 -2.57
N ARG A 38 -11.76 11.22 -2.40
CA ARG A 38 -12.62 12.33 -1.99
C ARG A 38 -13.34 12.94 -3.17
N TRP A 39 -14.40 13.68 -2.86
CA TRP A 39 -15.07 14.56 -3.79
C TRP A 39 -14.14 15.76 -4.05
N THR A 40 -13.87 16.04 -5.33
CA THR A 40 -13.10 17.19 -5.76
C THR A 40 -14.07 18.12 -6.48
N HIS A 41 -14.26 19.33 -5.95
CA HIS A 41 -15.25 20.25 -6.52
C HIS A 41 -14.76 21.68 -6.55
N ASP A 42 -15.56 22.52 -7.22
CA ASP A 42 -15.33 23.97 -7.33
C ASP A 42 -15.20 24.56 -5.93
N THR A 43 -14.19 25.41 -5.70
CA THR A 43 -14.06 26.11 -4.43
C THR A 43 -15.24 27.04 -4.13
N LYS A 44 -15.98 27.42 -5.18
CA LYS A 44 -17.10 28.37 -5.06
C LYS A 44 -18.48 27.75 -5.22
N SER A 45 -18.56 26.45 -5.49
CA SER A 45 -19.86 25.82 -5.76
C SER A 45 -19.80 24.31 -5.52
N THR A 46 -20.88 23.61 -5.87
CA THR A 46 -20.92 22.15 -5.77
C THR A 46 -20.66 21.50 -7.13
N THR A 47 -20.31 22.30 -8.15
CA THR A 47 -19.94 21.74 -9.45
C THR A 47 -18.68 20.86 -9.30
N ASN A 48 -18.71 19.67 -9.91
CA ASN A 48 -17.60 18.71 -9.81
C ASN A 48 -16.42 19.16 -10.61
N CYS A 49 -15.21 19.03 -10.05
CA CYS A 49 -14.00 19.15 -10.86
C CYS A 49 -13.67 17.83 -11.55
N TYR A 50 -14.09 16.73 -10.92
CA TYR A 50 -13.85 15.39 -11.41
C TYR A 50 -15.12 14.62 -11.18
N ASP A 51 -15.63 13.97 -12.23
CA ASP A 51 -16.84 13.17 -12.13
C ASP A 51 -16.73 11.96 -13.04
N GLY A 52 -17.04 10.80 -12.48
CA GLY A 52 -16.79 9.55 -13.19
C GLY A 52 -15.29 9.41 -13.38
N ASN A 53 -14.85 9.59 -14.61
CA ASN A 53 -13.41 9.54 -14.87
C ASN A 53 -12.94 10.61 -15.82
N THR A 54 -13.69 11.72 -15.84
CA THR A 54 -13.28 12.87 -16.61
C THR A 54 -13.29 14.13 -15.71
N TRP A 55 -12.51 15.10 -16.15
CA TRP A 55 -12.34 16.35 -15.45
C TRP A 55 -13.19 17.45 -16.05
N SER A 56 -13.51 18.44 -15.23
CA SER A 56 -14.17 19.66 -15.71
C SER A 56 -13.25 20.47 -16.61
N SER A 57 -13.64 20.66 -17.87
CA SER A 57 -12.89 21.56 -18.77
C SER A 57 -12.84 22.98 -18.26
N THR A 58 -13.92 23.43 -17.66
CA THR A 58 -13.99 24.82 -17.23
C THR A 58 -13.13 25.11 -16.02
N LEU A 59 -13.24 24.29 -14.99
CA LEU A 59 -12.46 24.49 -13.76
C LEU A 59 -11.01 24.04 -13.92
N CYS A 60 -10.77 23.10 -14.84
CA CYS A 60 -9.49 22.40 -14.92
C CYS A 60 -8.90 22.42 -16.33
N PRO A 61 -8.63 23.65 -16.83
CA PRO A 61 -8.04 23.81 -18.14
C PRO A 61 -6.57 23.33 -18.22
N ASP A 62 -5.90 23.28 -17.07
CA ASP A 62 -4.52 22.85 -17.01
C ASP A 62 -4.27 22.45 -15.56
N ASP A 63 -3.12 21.86 -15.26
CA ASP A 63 -2.88 21.29 -13.96
C ASP A 63 -2.80 22.32 -12.84
N ALA A 64 -2.15 23.46 -13.10
CA ALA A 64 -2.00 24.50 -12.06
C ALA A 64 -3.34 25.18 -11.77
N THR A 65 -4.04 25.60 -12.83
CA THR A 65 -5.34 26.28 -12.69
C THR A 65 -6.37 25.39 -11.94
N CYS A 66 -6.37 24.10 -12.27
CA CYS A 66 -7.27 23.15 -11.65
C CYS A 66 -7.05 23.12 -10.14
N ALA A 67 -5.80 23.10 -9.70
CA ALA A 67 -5.53 23.06 -8.29
C ALA A 67 -5.93 24.34 -7.55
N LYS A 68 -5.94 25.50 -8.23
CA LYS A 68 -6.38 26.77 -7.63
C LYS A 68 -7.88 26.83 -7.51
N ASN A 69 -8.56 26.22 -8.48
CA ASN A 69 -10.03 26.34 -8.60
C ASN A 69 -10.78 25.23 -7.90
N CYS A 70 -10.10 24.16 -7.51
CA CYS A 70 -10.76 22.94 -7.04
C CYS A 70 -10.30 22.58 -5.64
N CYS A 71 -11.23 22.10 -4.83
CA CYS A 71 -10.95 21.68 -3.49
C CYS A 71 -11.29 20.22 -3.27
N LEU A 72 -10.66 19.65 -2.25
CA LEU A 72 -11.03 18.35 -1.70
C LEU A 72 -11.97 18.63 -0.54
N ASP A 73 -12.95 17.76 -0.35
CA ASP A 73 -13.88 17.93 0.74
C ASP A 73 -13.74 16.82 1.75
N GLY A 74 -14.49 16.93 2.84
CA GLY A 74 -14.42 15.93 3.91
C GLY A 74 -15.04 14.60 3.52
N ALA A 75 -14.70 13.56 4.31
CA ALA A 75 -15.15 12.19 4.09
C ALA A 75 -16.08 11.69 5.19
N ASN A 76 -17.22 11.17 4.81
CA ASN A 76 -18.03 10.35 5.70
C ASN A 76 -17.42 8.95 5.73
N TYR A 77 -16.52 8.74 6.69
CA TYR A 77 -15.66 7.57 6.69
C TYR A 77 -16.44 6.26 6.66
N SER A 78 -17.41 6.12 7.56
CA SER A 78 -18.21 4.89 7.64
CA SER A 78 -18.20 4.89 7.62
C SER A 78 -19.24 4.83 6.52
N GLY A 79 -20.01 5.92 6.35
CA GLY A 79 -21.15 5.91 5.48
C GLY A 79 -20.81 5.82 4.00
N THR A 80 -19.76 6.53 3.61
CA THR A 80 -19.35 6.53 2.21
C THR A 80 -18.28 5.49 1.91
N TYR A 81 -17.34 5.31 2.83
CA TYR A 81 -16.17 4.50 2.50
C TYR A 81 -16.03 3.20 3.26
N GLY A 82 -16.93 2.92 4.20
CA GLY A 82 -16.85 1.66 4.96
C GLY A 82 -15.64 1.56 5.85
N VAL A 83 -15.16 2.71 6.33
CA VAL A 83 -14.00 2.80 7.21
C VAL A 83 -14.45 3.13 8.62
N THR A 84 -14.10 2.27 9.57
CA THR A 84 -14.41 2.53 11.00
C THR A 84 -13.23 2.16 11.89
N THR A 85 -13.15 2.79 13.07
CA THR A 85 -12.18 2.41 14.06
C THR A 85 -12.86 2.20 15.38
N SER A 86 -12.22 1.37 16.20
CA SER A 86 -12.64 1.13 17.56
C SER A 86 -11.36 0.84 18.34
N GLY A 87 -10.99 1.75 19.24
CA GLY A 87 -9.78 1.55 20.04
C GLY A 87 -8.53 1.43 19.20
N ASP A 88 -7.92 0.25 19.20
CA ASP A 88 -6.72 -0.01 18.43
C ASP A 88 -6.97 -0.72 17.12
N ALA A 89 -8.22 -0.82 16.71
CA ALA A 89 -8.59 -1.58 15.50
C ALA A 89 -9.19 -0.72 14.39
N LEU A 90 -8.72 -0.95 13.17
CA LEU A 90 -9.19 -0.30 11.94
C LEU A 90 -9.84 -1.35 11.04
N THR A 91 -11.10 -1.10 10.67
CA THR A 91 -11.84 -1.99 9.79
CA THR A 91 -11.80 -1.99 9.79
C THR A 91 -12.09 -1.29 8.48
N LEU A 92 -11.70 -1.93 7.38
CA LEU A 92 -11.96 -1.42 6.04
C LEU A 92 -12.91 -2.41 5.33
N GLN A 93 -14.09 -1.93 4.91
CA GLN A 93 -15.01 -2.72 4.08
C GLN A 93 -14.66 -2.55 2.61
N PHE A 94 -14.91 -3.57 1.80
CA PHE A 94 -14.55 -3.51 0.39
C PHE A 94 -15.50 -2.60 -0.42
N VAL A 95 -16.73 -3.04 -0.61
CA VAL A 95 -17.73 -2.28 -1.39
C VAL A 95 -18.73 -1.61 -0.43
N THR A 96 -18.90 -0.30 -0.57
CA THR A 96 -19.90 0.44 0.24
C THR A 96 -20.62 1.28 -0.80
N ALA A 97 -21.88 0.95 -1.11
CA ALA A 97 -22.61 1.63 -2.18
C ALA A 97 -21.77 1.71 -3.47
N SER A 98 -21.48 2.90 -3.99
CA SER A 98 -20.73 2.99 -5.22
C SER A 98 -19.20 2.96 -4.96
N ASN A 99 -18.79 2.97 -3.69
CA ASN A 99 -17.36 3.07 -3.40
C ASN A 99 -16.70 1.69 -3.35
N VAL A 100 -15.50 1.61 -3.92
CA VAL A 100 -14.66 0.40 -3.82
C VAL A 100 -13.34 0.72 -3.13
N GLY A 101 -13.11 0.02 -2.03
CA GLY A 101 -11.86 0.06 -1.31
C GLY A 101 -11.55 1.37 -0.60
N SER A 102 -10.34 1.45 -0.11
CA SER A 102 -9.87 2.65 0.57
C SER A 102 -8.36 2.58 0.75
N ARG A 103 -7.76 3.73 1.03
CA ARG A 103 -6.37 3.82 1.39
C ARG A 103 -6.29 4.92 2.45
N LEU A 104 -5.69 4.56 3.58
CA LEU A 104 -5.60 5.38 4.80
C LEU A 104 -4.18 5.54 5.26
N TYR A 105 -3.88 6.71 5.84
CA TYR A 105 -2.57 6.99 6.40
C TYR A 105 -2.65 7.25 7.89
N LEU A 106 -1.67 6.77 8.64
CA LEU A 106 -1.64 7.04 10.07
C LEU A 106 -1.11 8.46 10.32
N MET A 107 -1.86 9.20 11.12
CA MET A 107 -1.53 10.58 11.46
CA MET A 107 -1.58 10.60 11.48
C MET A 107 -0.99 10.75 12.87
N ALA A 108 -0.04 11.66 13.01
CA ALA A 108 0.47 12.11 14.29
C ALA A 108 -0.50 13.10 14.92
N ASN A 109 -1.07 13.96 14.08
CA ASN A 109 -2.12 14.89 14.51
C ASN A 109 -2.86 15.38 13.30
N ASP A 110 -3.78 16.31 13.45
CA ASP A 110 -4.68 16.69 12.34
C ASP A 110 -3.95 17.17 11.06
N SER A 111 -2.72 17.65 11.19
CA SER A 111 -1.99 18.24 10.07
C SER A 111 -0.77 17.48 9.58
N THR A 112 -0.41 16.36 10.22
CA THR A 112 0.88 15.76 9.97
C THR A 112 0.80 14.23 9.99
N TYR A 113 1.37 13.59 8.97
CA TYR A 113 1.47 12.13 8.99
C TYR A 113 2.47 11.69 10.05
N GLN A 114 2.21 10.56 10.68
CA GLN A 114 3.19 9.95 11.54
C GLN A 114 4.31 9.42 10.66
N GLU A 115 5.55 9.67 11.04
CA GLU A 115 6.71 9.19 10.25
C GLU A 115 7.50 8.22 11.06
N PHE A 116 7.71 7.04 10.51
CA PHE A 116 8.41 5.98 11.20
C PHE A 116 9.79 5.79 10.60
N THR A 117 10.81 5.65 11.45
CA THR A 117 12.17 5.29 11.00
C THR A 117 12.30 3.80 11.23
N LEU A 118 12.26 3.01 10.16
CA LEU A 118 12.23 1.57 10.31
C LEU A 118 13.57 1.02 10.79
N SER A 119 14.67 1.70 10.48
CA SER A 119 16.01 1.19 10.70
C SER A 119 16.26 0.86 12.18
N GLY A 120 16.61 -0.40 12.46
CA GLY A 120 16.88 -0.88 13.80
C GLY A 120 15.64 -1.11 14.64
N ASN A 121 14.48 -1.00 14.01
CA ASN A 121 13.21 -1.11 14.70
C ASN A 121 12.38 -2.26 14.12
N GLU A 122 11.27 -2.56 14.77
CA GLU A 122 10.36 -3.56 14.29
C GLU A 122 8.94 -3.01 14.37
N PHE A 123 8.12 -3.51 13.47
CA PHE A 123 6.72 -3.18 13.40
C PHE A 123 5.89 -4.46 13.55
N SER A 124 4.90 -4.40 14.43
CA SER A 124 4.03 -5.52 14.70
C SER A 124 2.61 -5.07 14.52
N PHE A 125 1.79 -5.95 13.97
CA PHE A 125 0.35 -5.70 13.89
C PHE A 125 -0.38 -7.03 13.85
N ASP A 126 -1.66 -6.97 14.25
CA ASP A 126 -2.58 -8.08 14.13
C ASP A 126 -3.49 -7.82 12.93
N VAL A 127 -3.89 -8.92 12.29
CA VAL A 127 -4.70 -8.81 11.11
C VAL A 127 -5.67 -10.00 11.00
N ASP A 128 -6.87 -9.66 10.55
CA ASP A 128 -7.92 -10.62 10.21
C ASP A 128 -8.10 -10.53 8.70
N VAL A 129 -7.61 -11.54 8.00
CA VAL A 129 -7.75 -11.66 6.55
C VAL A 129 -8.80 -12.70 6.16
N SER A 130 -9.53 -13.23 7.13
CA SER A 130 -10.52 -14.27 6.88
C SER A 130 -11.56 -13.93 5.78
N GLN A 131 -11.89 -12.65 5.62
CA GLN A 131 -12.88 -12.20 4.68
C GLN A 131 -12.25 -11.56 3.43
N LEU A 132 -11.04 -12.01 3.09
CA LEU A 132 -10.34 -11.56 1.89
C LEU A 132 -10.15 -12.73 0.95
N PRO A 133 -11.10 -12.92 0.01
CA PRO A 133 -10.97 -14.01 -0.94
C PRO A 133 -9.97 -13.73 -2.05
N CYS A 134 -9.77 -14.71 -2.93
CA CYS A 134 -8.98 -14.49 -4.15
C CYS A 134 -9.31 -13.15 -4.79
N GLY A 135 -8.29 -12.43 -5.23
CA GLY A 135 -8.52 -11.14 -5.90
C GLY A 135 -8.54 -9.87 -5.06
N LEU A 136 -8.58 -10.04 -3.74
CA LEU A 136 -8.53 -8.93 -2.81
C LEU A 136 -7.15 -8.78 -2.20
N ASN A 137 -6.88 -7.59 -1.69
CA ASN A 137 -5.60 -7.33 -1.04
C ASN A 137 -5.80 -6.31 0.05
N GLY A 138 -5.62 -6.74 1.29
CA GLY A 138 -5.54 -5.88 2.44
C GLY A 138 -4.08 -5.55 2.61
N ALA A 139 -3.65 -4.43 2.07
CA ALA A 139 -2.23 -4.09 2.13
C ALA A 139 -1.89 -3.11 3.24
N LEU A 140 -0.86 -3.45 4.00
CA LEU A 140 -0.30 -2.59 5.03
C LEU A 140 1.15 -2.41 4.64
N TYR A 141 1.58 -1.17 4.52
CA TYR A 141 2.87 -0.90 3.95
C TYR A 141 3.34 0.51 4.30
N PHE A 142 4.61 0.79 3.99
CA PHE A 142 5.24 2.07 4.26
C PHE A 142 5.70 2.69 2.97
N VAL A 143 5.58 4.00 2.87
CA VAL A 143 6.09 4.76 1.73
C VAL A 143 6.78 6.02 2.21
N SER A 144 7.76 6.49 1.44
CA SER A 144 8.50 7.70 1.81
C SER A 144 7.76 8.97 1.38
N MET A 145 6.59 9.19 1.98
CA MET A 145 5.79 10.39 1.76
C MET A 145 6.29 11.54 2.62
N ASP A 146 6.10 12.75 2.13
CA ASP A 146 6.33 13.95 2.92
C ASP A 146 5.32 14.04 4.07
N ALA A 147 5.77 14.43 5.25
CA ALA A 147 4.93 14.41 6.47
C ALA A 147 3.73 15.34 6.35
N ASP A 148 3.88 16.41 5.55
CA ASP A 148 2.80 17.39 5.38
C ASP A 148 2.07 17.24 4.04
N GLY A 149 2.26 16.11 3.40
CA GLY A 149 1.63 15.85 2.10
C GLY A 149 2.14 16.68 0.97
N GLY A 150 3.27 17.35 1.18
CA GLY A 150 3.90 18.18 0.19
C GLY A 150 3.66 19.67 0.28
N GLN A 151 2.95 20.16 1.28
CA GLN A 151 2.62 21.59 1.36
C GLN A 151 3.84 22.52 1.34
N SER A 152 4.91 22.12 2.02
CA SER A 152 6.04 23.03 2.22
C SER A 152 6.75 23.32 0.90
N LYS A 153 6.64 22.39 -0.04
CA LYS A 153 7.32 22.44 -1.33
C LYS A 153 6.41 22.98 -2.44
N TYR A 154 5.10 22.74 -2.30
CA TYR A 154 4.13 22.97 -3.39
C TYR A 154 2.99 23.86 -2.88
N PRO A 155 3.10 25.17 -3.11
CA PRO A 155 2.10 26.09 -2.59
C PRO A 155 0.70 25.87 -3.13
N GLY A 156 0.59 25.19 -4.26
CA GLY A 156 -0.70 24.87 -4.83
C GLY A 156 -1.47 23.82 -4.05
N ASN A 157 -0.78 23.16 -3.11
CA ASN A 157 -1.41 22.24 -2.16
C ASN A 157 -1.72 22.92 -0.84
N ALA A 158 -2.96 23.40 -0.72
CA ALA A 158 -3.46 24.05 0.47
C ALA A 158 -4.10 23.07 1.44
N ALA A 159 -4.19 21.80 1.03
CA ALA A 159 -4.90 20.79 1.81
C ALA A 159 -4.01 19.95 2.71
N GLY A 160 -2.91 19.44 2.17
CA GLY A 160 -1.91 18.76 2.98
C GLY A 160 -2.34 17.42 3.53
N ALA A 161 -1.63 16.98 4.56
CA ALA A 161 -1.89 15.66 5.15
C ALA A 161 -3.30 15.51 5.74
N LYS A 162 -3.89 16.63 6.17
CA LYS A 162 -5.23 16.64 6.69
C LYS A 162 -6.25 16.03 5.72
N TYR A 163 -5.99 16.17 4.41
CA TYR A 163 -6.84 15.62 3.36
C TYR A 163 -6.19 14.49 2.57
N GLY A 164 -5.13 13.91 3.11
CA GLY A 164 -4.55 12.74 2.52
C GLY A 164 -3.88 12.97 1.19
N THR A 165 -3.24 14.15 1.03
CA THR A 165 -2.46 14.46 -0.18
C THR A 165 -1.05 13.90 -0.11
N GLY A 166 -0.40 13.81 -1.26
CA GLY A 166 1.02 13.54 -1.28
C GLY A 166 1.40 12.09 -1.44
N TYR A 167 0.44 11.23 -1.75
CA TYR A 167 0.76 9.81 -1.94
C TYR A 167 1.79 9.62 -3.05
N CYS A 168 2.63 8.63 -2.83
CA CYS A 168 3.63 8.17 -3.79
C CYS A 168 3.91 6.73 -3.42
N ASP A 169 4.40 5.96 -4.39
CA ASP A 169 4.89 4.61 -4.13
C ASP A 169 5.78 4.18 -5.30
N SER A 170 6.25 2.95 -5.26
CA SER A 170 7.25 2.49 -6.20
C SER A 170 6.69 2.14 -7.60
N GLN A 171 5.37 2.20 -7.76
CA GLN A 171 4.73 2.08 -9.07
C GLN A 171 4.79 3.41 -9.82
N CYS A 172 5.17 4.48 -9.15
CA CYS A 172 5.09 5.84 -9.72
C CYS A 172 3.70 6.09 -10.29
N PRO A 173 2.66 5.88 -9.48
CA PRO A 173 1.28 5.86 -9.99
C PRO A 173 0.88 7.14 -10.69
N ARG A 174 0.24 6.99 -11.85
CA ARG A 174 -0.24 8.11 -12.64
C ARG A 174 -1.76 8.29 -12.49
N ASP A 175 -2.40 7.44 -11.69
CA ASP A 175 -3.85 7.51 -11.48
C ASP A 175 -4.24 8.57 -10.45
N LEU A 176 -3.26 9.24 -9.84
CA LEU A 176 -3.52 10.24 -8.82
C LEU A 176 -4.04 11.51 -9.46
N LYS A 177 -5.01 12.14 -8.83
CA LYS A 177 -5.63 13.33 -9.39
C LYS A 177 -4.86 14.61 -9.05
N PHE A 178 -4.13 14.60 -7.94
CA PHE A 178 -3.26 15.73 -7.57
C PHE A 178 -1.89 15.18 -7.21
N ILE A 179 -0.89 15.83 -7.78
CA ILE A 179 0.51 15.55 -7.45
C ILE A 179 1.26 16.86 -7.39
N ASN A 180 2.04 17.09 -6.33
CA ASN A 180 2.91 18.27 -6.23
C ASN A 180 2.08 19.57 -6.34
N GLY A 181 0.90 19.56 -5.75
CA GLY A 181 0.07 20.75 -5.70
C GLY A 181 -0.46 21.20 -7.07
N GLN A 182 -0.50 20.27 -8.01
CA GLN A 182 -1.15 20.50 -9.30
CA GLN A 182 -1.15 20.49 -9.30
C GLN A 182 -2.08 19.33 -9.55
N ALA A 183 -3.13 19.55 -10.36
CA ALA A 183 -3.94 18.43 -10.79
C ALA A 183 -3.22 17.63 -11.83
N ASN A 184 -3.86 16.54 -12.26
CA ASN A 184 -3.29 15.63 -13.27
C ASN A 184 -4.18 15.54 -14.51
N VAL A 185 -4.92 16.63 -14.76
CA VAL A 185 -5.87 16.71 -15.88
C VAL A 185 -5.16 16.66 -17.25
N GLU A 186 -3.99 17.27 -17.33
CA GLU A 186 -3.24 17.28 -18.58
C GLU A 186 -2.73 15.86 -18.90
N GLY A 187 -3.05 15.38 -20.10
CA GLY A 187 -2.73 14.00 -20.48
C GLY A 187 -3.69 12.93 -19.96
N TRP A 188 -4.77 13.33 -19.30
CA TRP A 188 -5.65 12.36 -18.64
C TRP A 188 -6.35 11.48 -19.65
N GLU A 189 -6.25 10.18 -19.44
CA GLU A 189 -6.91 9.19 -20.26
C GLU A 189 -7.79 8.35 -19.31
N PRO A 190 -9.11 8.30 -19.54
CA PRO A 190 -9.98 7.49 -18.68
C PRO A 190 -9.69 6.00 -18.81
N SER A 191 -9.85 5.25 -17.73
CA SER A 191 -9.61 3.81 -17.77
C SER A 191 -10.73 3.10 -18.57
N SER A 192 -10.37 2.18 -19.45
CA SER A 192 -11.35 1.44 -20.26
C SER A 192 -12.19 0.51 -19.42
N ASN A 193 -11.64 0.06 -18.30
CA ASN A 193 -12.30 -0.92 -17.46
C ASN A 193 -12.71 -0.42 -16.07
N ASN A 194 -12.64 0.89 -15.83
CA ASN A 194 -13.04 1.42 -14.53
C ASN A 194 -13.66 2.78 -14.73
N ALA A 195 -14.96 2.89 -14.44
CA ALA A 195 -15.71 4.14 -14.62
C ALA A 195 -15.25 5.30 -13.72
N ASN A 196 -14.43 4.99 -12.72
CA ASN A 196 -14.03 5.99 -11.74
C ASN A 196 -12.57 6.40 -11.77
N THR A 197 -11.78 5.81 -12.67
CA THR A 197 -10.33 6.08 -12.66
C THR A 197 -9.79 6.39 -14.05
N GLY A 198 -8.54 6.86 -14.06
CA GLY A 198 -7.84 7.19 -15.28
C GLY A 198 -6.37 7.25 -15.01
N VAL A 199 -5.63 7.75 -16.01
CA VAL A 199 -4.18 7.82 -15.98
CA VAL A 199 -4.17 7.85 -15.94
C VAL A 199 -3.82 9.19 -16.54
N GLY A 200 -3.07 9.99 -15.78
CA GLY A 200 -2.67 11.34 -16.23
C GLY A 200 -1.25 11.43 -16.71
N GLY A 201 -0.85 12.65 -17.04
CA GLY A 201 0.47 12.91 -17.57
C GLY A 201 1.55 12.78 -16.54
N HIS A 202 1.23 12.94 -15.25
CA HIS A 202 2.23 12.81 -14.20
C HIS A 202 1.98 11.62 -13.29
N GLY A 203 3.07 11.15 -12.70
CA GLY A 203 3.01 10.19 -11.62
C GLY A 203 3.82 10.61 -10.43
N SER A 204 3.72 9.84 -9.34
CA SER A 204 4.29 10.21 -8.06
C SER A 204 5.07 9.02 -7.48
N CYS A 205 6.40 9.15 -7.53
CA CYS A 205 7.33 8.07 -7.17
C CYS A 205 7.93 8.25 -5.77
N CYS A 206 8.09 7.15 -5.04
CA CYS A 206 8.94 7.12 -3.86
C CYS A 206 9.10 5.70 -3.37
N SER A 207 10.11 5.53 -2.51
CA SER A 207 10.45 4.23 -1.93
C SER A 207 9.23 3.63 -1.24
N GLU A 208 9.15 2.30 -1.28
CA GLU A 208 8.03 1.57 -0.73
C GLU A 208 8.51 0.29 -0.08
N MET A 209 8.02 0.05 1.12
CA MET A 209 8.31 -1.19 1.82
C MET A 209 6.99 -1.88 2.13
N ASP A 210 6.68 -2.93 1.38
CA ASP A 210 5.41 -3.61 1.55
C ASP A 210 5.54 -4.66 2.62
N ILE A 211 5.11 -4.29 3.82
CA ILE A 211 5.13 -5.20 4.96
CA ILE A 211 5.19 -5.24 4.90
C ILE A 211 4.21 -6.38 4.65
N TRP A 212 3.04 -6.05 4.10
CA TRP A 212 1.93 -6.99 4.03
C TRP A 212 1.07 -6.73 2.80
N GLU A 213 1.28 -7.55 1.78
CA GLU A 213 0.38 -7.63 0.61
CA GLU A 213 0.35 -7.66 0.66
C GLU A 213 -0.28 -9.01 0.78
N ALA A 214 -1.58 -9.05 1.06
CA ALA A 214 -2.14 -10.33 1.47
C ALA A 214 -3.66 -10.45 1.40
N ASN A 215 -4.08 -11.71 1.27
CA ASN A 215 -5.48 -12.08 1.47
C ASN A 215 -5.47 -13.45 2.19
N SER A 216 -6.60 -14.14 2.20
CA SER A 216 -6.67 -15.42 2.91
C SER A 216 -5.86 -16.55 2.25
N ILE A 217 -5.36 -16.34 1.04
CA ILE A 217 -4.66 -17.38 0.28
C ILE A 217 -3.15 -17.15 0.19
N SER A 218 -2.71 -15.91 0.03
CA SER A 218 -1.29 -15.63 -0.11
C SER A 218 -0.91 -14.33 0.62
N GLU A 219 0.34 -14.27 1.02
CA GLU A 219 0.93 -13.07 1.62
C GLU A 219 2.35 -12.87 1.14
N ALA A 220 2.75 -11.62 1.03
CA ALA A 220 4.08 -11.26 0.53
C ALA A 220 4.64 -10.05 1.30
N LEU A 221 5.97 -10.11 1.49
CA LEU A 221 6.78 -9.10 2.17
C LEU A 221 7.79 -8.61 1.11
N THR A 222 7.78 -7.30 0.77
CA THR A 222 8.45 -6.87 -0.47
C THR A 222 9.00 -5.44 -0.39
N PRO A 223 10.33 -5.26 -0.27
CA PRO A 223 10.90 -3.92 -0.44
C PRO A 223 10.98 -3.53 -1.90
N HIS A 224 10.80 -2.25 -2.20
CA HIS A 224 10.92 -1.68 -3.55
C HIS A 224 11.76 -0.39 -3.51
N PRO A 225 13.02 -0.42 -4.00
CA PRO A 225 13.82 0.80 -4.01
C PRO A 225 13.45 1.75 -5.14
N CYS A 226 13.77 3.03 -4.92
CA CYS A 226 13.77 4.04 -5.97
C CYS A 226 15.09 4.77 -6.00
N GLU A 227 15.42 5.28 -7.18
CA GLU A 227 16.68 6.00 -7.39
C GLU A 227 16.74 7.29 -6.59
N THR A 228 15.59 7.95 -6.42
CA THR A 228 15.43 9.03 -5.44
C THR A 228 14.59 8.47 -4.30
N VAL A 229 15.09 8.60 -3.07
CA VAL A 229 14.49 7.91 -1.94
C VAL A 229 13.10 8.42 -1.63
N GLY A 230 13.00 9.74 -1.58
CA GLY A 230 11.74 10.42 -1.29
C GLY A 230 10.89 10.70 -2.49
N GLN A 231 9.84 11.52 -2.28
CA GLN A 231 8.85 11.72 -3.32
C GLN A 231 9.38 12.58 -4.46
N THR A 232 9.09 12.16 -5.68
CA THR A 232 9.43 12.88 -6.91
CA THR A 232 9.35 12.96 -6.86
C THR A 232 8.31 12.71 -7.92
N MET A 233 8.08 13.70 -8.76
CA MET A 233 7.07 13.59 -9.79
C MET A 233 7.76 13.15 -11.06
N CYS A 234 7.11 12.28 -11.80
CA CYS A 234 7.58 11.82 -13.10
C CYS A 234 6.58 12.22 -14.19
N SER A 235 7.04 12.17 -15.43
CA SER A 235 6.19 12.55 -16.56
C SER A 235 6.00 11.41 -17.53
N GLY A 236 4.74 11.11 -17.80
CA GLY A 236 4.35 10.12 -18.78
C GLY A 236 5.06 8.78 -18.72
N ASP A 237 5.46 8.28 -19.88
CA ASP A 237 6.14 7.00 -19.97
C ASP A 237 7.48 6.97 -19.20
N SER A 238 8.09 8.11 -18.92
CA SER A 238 9.30 8.13 -18.10
C SER A 238 9.01 7.66 -16.67
N CYS A 239 7.73 7.55 -16.30
CA CYS A 239 7.36 7.05 -14.98
C CYS A 239 7.69 5.57 -14.79
N GLY A 240 7.65 4.82 -15.88
CA GLY A 240 7.65 3.37 -15.76
C GLY A 240 6.41 2.90 -15.02
N GLY A 241 6.48 1.70 -14.45
CA GLY A 241 5.35 1.12 -13.72
C GLY A 241 4.32 0.53 -14.68
N THR A 242 3.25 0.00 -14.12
CA THR A 242 2.25 -0.73 -14.92
C THR A 242 1.56 0.09 -16.03
N TYR A 243 1.11 1.28 -15.67
CA TYR A 243 0.47 2.16 -16.66
C TYR A 243 1.45 3.07 -17.39
N SER A 244 2.37 2.43 -18.11
CA SER A 244 3.27 3.09 -19.03
C SER A 244 3.54 2.08 -20.15
N ASN A 245 4.26 2.50 -21.18
CA ASN A 245 4.70 1.58 -22.22
CA ASN A 245 4.71 1.60 -22.23
C ASN A 245 6.11 1.07 -21.95
N ASP A 246 6.55 1.20 -20.68
CA ASP A 246 7.88 0.77 -20.32
C ASP A 246 8.02 0.59 -18.82
N ARG A 247 7.52 -0.55 -18.36
CA ARG A 247 7.43 -0.86 -16.94
C ARG A 247 8.73 -0.55 -16.20
N TYR A 248 9.87 -0.86 -16.81
CA TYR A 248 11.16 -0.75 -16.13
C TYR A 248 11.96 0.49 -16.51
N GLY A 249 11.40 1.35 -17.35
CA GLY A 249 12.11 2.55 -17.84
C GLY A 249 12.06 3.77 -16.95
N GLY A 250 11.47 3.65 -15.77
CA GLY A 250 11.39 4.71 -14.81
C GLY A 250 12.44 4.60 -13.73
N THR A 251 12.23 5.32 -12.63
CA THR A 251 13.26 5.49 -11.61
C THR A 251 13.02 4.62 -10.39
N CYS A 252 11.89 3.93 -10.33
CA CYS A 252 11.62 3.01 -9.26
C CYS A 252 11.61 1.54 -9.71
N ASP A 253 11.65 0.65 -8.73
CA ASP A 253 11.51 -0.80 -8.94
C ASP A 253 10.07 -1.21 -8.67
N PRO A 254 9.27 -1.43 -9.71
CA PRO A 254 7.84 -1.79 -9.53
C PRO A 254 7.63 -3.26 -9.16
N ASP A 255 8.68 -4.06 -9.20
CA ASP A 255 8.57 -5.49 -8.93
C ASP A 255 8.90 -5.83 -7.48
N GLY A 256 10.04 -5.37 -7.00
CA GLY A 256 10.42 -5.60 -5.61
C GLY A 256 11.14 -6.93 -5.42
N CYS A 257 11.79 -7.06 -4.28
CA CYS A 257 12.32 -8.36 -3.84
C CYS A 257 11.28 -8.93 -2.88
N ASP A 258 10.43 -9.81 -3.39
CA ASP A 258 9.30 -10.32 -2.63
C ASP A 258 9.65 -11.64 -1.95
N TRP A 259 9.09 -11.82 -0.77
CA TRP A 259 9.15 -13.07 -0.01
C TRP A 259 7.72 -13.46 0.25
N ASN A 260 7.28 -14.48 -0.49
CA ASN A 260 5.95 -15.09 -0.41
C ASN A 260 6.21 -16.56 -0.15
N PRO A 261 5.86 -17.07 1.07
CA PRO A 261 6.26 -18.43 1.40
C PRO A 261 5.70 -19.47 0.42
N TYR A 262 4.53 -19.21 -0.15
CA TYR A 262 3.91 -20.12 -1.13
C TYR A 262 4.76 -20.15 -2.41
N ARG A 263 5.11 -18.97 -2.88
CA ARG A 263 5.93 -18.83 -4.08
C ARG A 263 7.25 -19.55 -3.93
N LEU A 264 7.79 -19.52 -2.73
CA LEU A 264 9.09 -20.12 -2.44
C LEU A 264 8.99 -21.63 -2.20
N GLY A 265 7.78 -22.18 -2.25
CA GLY A 265 7.60 -23.62 -2.26
C GLY A 265 6.94 -24.23 -1.06
N ASN A 266 6.58 -23.42 -0.08
CA ASN A 266 5.84 -23.95 1.06
C ASN A 266 4.37 -23.60 0.93
N THR A 267 3.59 -24.55 0.43
CA THR A 267 2.24 -24.26 0.05
C THR A 267 1.27 -24.71 1.13
N SER A 268 1.78 -25.08 2.31
CA SER A 268 0.96 -25.45 3.47
C SER A 268 1.30 -24.57 4.69
N PHE A 269 1.98 -23.45 4.50
CA PHE A 269 2.35 -22.59 5.60
C PHE A 269 1.23 -21.62 5.97
N TYR A 270 0.63 -20.97 4.98
CA TYR A 270 -0.35 -19.89 5.24
C TYR A 270 -1.55 -20.14 4.35
N GLY A 271 -2.71 -20.31 4.96
CA GLY A 271 -3.90 -20.60 4.21
C GLY A 271 -5.09 -20.92 5.07
N PRO A 272 -6.24 -21.16 4.41
CA PRO A 272 -7.50 -21.21 5.11
C PRO A 272 -7.78 -22.61 5.64
N GLY A 273 -7.50 -22.82 6.90
CA GLY A 273 -7.82 -24.06 7.55
C GLY A 273 -6.78 -24.46 8.55
N SER A 274 -7.13 -25.39 9.42
CA SER A 274 -6.26 -25.76 10.51
C SER A 274 -5.05 -26.58 10.09
N SER A 275 -5.02 -27.13 8.86
CA SER A 275 -3.83 -27.82 8.37
C SER A 275 -2.67 -26.89 8.04
N PHE A 276 -2.94 -25.60 7.83
CA PHE A 276 -1.90 -24.62 7.60
C PHE A 276 -1.28 -24.19 8.93
N ALA A 277 0.00 -23.85 8.92
CA ALA A 277 0.72 -23.40 10.10
C ALA A 277 0.04 -22.16 10.64
N LEU A 278 -0.29 -21.25 9.71
CA LEU A 278 -1.07 -20.04 9.99
C LEU A 278 -2.41 -20.22 9.30
N ASP A 279 -3.47 -20.29 10.10
CA ASP A 279 -4.84 -20.54 9.63
C ASP A 279 -5.50 -19.18 9.37
N THR A 280 -5.67 -18.84 8.09
CA THR A 280 -6.14 -17.52 7.71
C THR A 280 -7.63 -17.34 7.93
N THR A 281 -8.32 -18.36 8.43
CA THR A 281 -9.69 -18.13 8.92
C THR A 281 -9.73 -17.41 10.25
N LYS A 282 -8.56 -17.25 10.88
CA LYS A 282 -8.43 -16.64 12.21
C LYS A 282 -7.37 -15.56 12.16
N LYS A 283 -7.53 -14.59 13.04
CA LYS A 283 -6.60 -13.49 13.06
C LYS A 283 -5.21 -13.96 13.49
N LEU A 284 -4.22 -13.17 13.10
CA LEU A 284 -2.82 -13.48 13.42
C LEU A 284 -2.04 -12.24 13.65
N THR A 285 -0.88 -12.43 14.28
CA THR A 285 0.11 -11.34 14.53
C THR A 285 1.25 -11.51 13.53
N VAL A 286 1.68 -10.39 12.96
CA VAL A 286 2.78 -10.32 11.98
C VAL A 286 3.83 -9.33 12.49
N VAL A 287 5.07 -9.80 12.67
CA VAL A 287 6.19 -9.00 13.20
C VAL A 287 7.31 -8.96 12.15
N THR A 288 7.75 -7.74 11.85
CA THR A 288 8.70 -7.47 10.79
C THR A 288 9.81 -6.57 11.35
N GLN A 289 11.05 -7.01 11.22
CA GLN A 289 12.20 -6.44 11.90
C GLN A 289 13.20 -5.98 10.87
N PHE A 290 13.67 -4.74 11.04
CA PHE A 290 14.59 -4.10 10.08
C PHE A 290 15.95 -3.87 10.67
N ALA A 291 16.91 -4.72 10.31
CA ALA A 291 18.26 -4.54 10.82
C ALA A 291 18.85 -3.23 10.25
N THR A 292 19.89 -2.70 10.90
CA THR A 292 20.44 -1.42 10.46
C THR A 292 21.06 -1.48 9.05
N ASP A 293 21.43 -2.67 8.58
CA ASP A 293 21.96 -2.84 7.22
C ASP A 293 20.94 -3.31 6.19
N GLY A 294 19.67 -3.27 6.57
CA GLY A 294 18.56 -3.56 5.70
C GLY A 294 18.04 -4.99 5.68
N SER A 295 18.72 -5.91 6.35
CA SER A 295 18.21 -7.29 6.50
CA SER A 295 18.22 -7.24 6.51
C SER A 295 16.84 -7.26 7.18
N ILE A 296 15.87 -7.96 6.56
CA ILE A 296 14.52 -8.00 7.09
C ILE A 296 14.19 -9.38 7.61
N SER A 297 13.79 -9.47 8.87
CA SER A 297 13.39 -10.73 9.48
C SER A 297 11.91 -10.64 9.86
N ARG A 298 11.32 -11.82 10.02
CA ARG A 298 9.86 -11.96 10.12
C ARG A 298 9.51 -13.13 11.01
N TYR A 299 8.52 -12.91 11.88
CA TYR A 299 7.86 -14.03 12.55
C TYR A 299 6.40 -13.68 12.75
N TYR A 300 5.64 -14.72 13.05
CA TYR A 300 4.19 -14.65 13.17
C TYR A 300 3.76 -15.25 14.50
N VAL A 301 2.59 -14.82 15.00
CA VAL A 301 2.04 -15.43 16.20
C VAL A 301 0.58 -15.74 15.97
N GLN A 302 0.14 -16.97 16.28
CA GLN A 302 -1.32 -17.26 16.22
C GLN A 302 -1.64 -18.23 17.34
N ASN A 303 -2.69 -17.93 18.09
CA ASN A 303 -2.99 -18.69 19.31
C ASN A 303 -1.80 -18.81 20.25
N GLY A 304 -1.01 -17.76 20.36
CA GLY A 304 0.14 -17.78 21.22
C GLY A 304 1.30 -18.66 20.81
N VAL A 305 1.23 -19.23 19.59
CA VAL A 305 2.33 -19.98 19.02
C VAL A 305 3.12 -19.07 18.07
N LYS A 306 4.44 -19.02 18.27
CA LYS A 306 5.34 -18.22 17.43
C LYS A 306 5.84 -19.08 16.28
N PHE A 307 5.71 -18.57 15.06
CA PHE A 307 6.18 -19.23 13.85
C PHE A 307 7.22 -18.33 13.19
N GLN A 308 8.45 -18.82 13.08
CA GLN A 308 9.45 -18.10 12.30
C GLN A 308 9.05 -18.19 10.82
N GLN A 309 9.52 -17.22 10.05
CA GLN A 309 9.43 -17.31 8.60
C GLN A 309 10.05 -18.64 8.18
N PRO A 310 9.36 -19.43 7.35
CA PRO A 310 9.97 -20.71 6.97
C PRO A 310 11.23 -20.51 6.17
N ASN A 311 12.21 -21.37 6.42
CA ASN A 311 13.42 -21.40 5.62
CA ASN A 311 13.43 -21.34 5.61
C ASN A 311 13.09 -21.66 4.15
N ALA A 312 13.78 -21.00 3.24
CA ALA A 312 13.62 -21.29 1.80
C ALA A 312 15.00 -21.59 1.21
N GLN A 313 15.04 -22.44 0.18
CA GLN A 313 16.25 -22.70 -0.59
C GLN A 313 15.95 -22.18 -1.98
N VAL A 314 16.73 -21.19 -2.42
CA VAL A 314 16.57 -20.56 -3.70
C VAL A 314 17.98 -20.51 -4.29
N GLY A 315 18.24 -21.38 -5.28
CA GLY A 315 19.61 -21.55 -5.76
C GLY A 315 20.55 -21.89 -4.62
N SER A 316 21.63 -21.11 -4.49
CA SER A 316 22.63 -21.33 -3.46
C SER A 316 22.23 -20.70 -2.13
N TYR A 317 21.16 -19.90 -2.14
CA TYR A 317 20.70 -19.26 -0.92
C TYR A 317 19.82 -20.15 -0.07
N SER A 318 20.14 -20.26 1.20
CA SER A 318 19.21 -20.83 2.15
CA SER A 318 19.27 -20.87 2.18
C SER A 318 19.15 -19.95 3.39
N GLY A 319 17.92 -19.73 3.86
CA GLY A 319 17.68 -18.86 5.01
C GLY A 319 16.25 -18.39 5.05
N ASN A 320 15.94 -17.48 5.96
CA ASN A 320 14.55 -16.99 6.09
C ASN A 320 14.45 -15.46 6.22
N THR A 321 15.51 -14.78 5.79
CA THR A 321 15.55 -13.30 5.84
C THR A 321 15.72 -12.73 4.45
N ILE A 322 15.20 -11.53 4.27
CA ILE A 322 15.43 -10.79 3.03
C ILE A 322 16.76 -10.04 3.20
N ASN A 323 17.60 -10.17 2.19
CA ASN A 323 18.87 -9.54 2.18
C ASN A 323 19.38 -9.61 0.73
N THR A 324 20.55 -9.04 0.47
CA THR A 324 21.01 -9.01 -0.93
C THR A 324 21.21 -10.41 -1.49
N ASP A 325 21.67 -11.34 -0.65
CA ASP A 325 21.87 -12.70 -1.07
C ASP A 325 20.59 -13.40 -1.55
N TYR A 326 19.53 -13.25 -0.78
CA TYR A 326 18.22 -13.77 -1.16
C TYR A 326 17.74 -13.09 -2.45
N CYS A 327 17.83 -11.76 -2.47
CA CYS A 327 17.26 -11.02 -3.58
C CYS A 327 17.96 -11.35 -4.91
N ALA A 328 19.28 -11.52 -4.87
CA ALA A 328 20.05 -11.94 -6.04
C ALA A 328 19.68 -13.37 -6.45
N ALA A 329 19.56 -14.26 -5.48
CA ALA A 329 19.19 -15.64 -5.80
C ALA A 329 17.79 -15.74 -6.41
N GLU A 330 16.87 -14.95 -5.86
CA GLU A 330 15.51 -14.92 -6.37
C GLU A 330 15.47 -14.47 -7.82
N GLN A 331 16.15 -13.37 -8.11
CA GLN A 331 16.27 -12.90 -9.50
C GLN A 331 16.81 -14.00 -10.44
N THR A 332 17.88 -14.65 -10.01
CA THR A 332 18.49 -15.70 -10.79
C THR A 332 17.50 -16.81 -11.06
N ALA A 333 16.80 -17.28 -10.03
CA ALA A 333 15.93 -18.42 -10.15
C ALA A 333 14.61 -18.11 -10.85
N PHE A 334 14.00 -16.98 -10.51
CA PHE A 334 12.64 -16.61 -10.94
C PHE A 334 12.61 -15.65 -12.14
N GLY A 335 13.74 -15.00 -12.44
CA GLY A 335 13.81 -14.02 -13.50
C GLY A 335 13.77 -12.58 -13.01
N GLY A 336 14.29 -11.69 -13.85
CA GLY A 336 14.19 -10.27 -13.62
C GLY A 336 15.44 -9.73 -12.96
N THR A 337 15.62 -8.41 -13.11
CA THR A 337 16.76 -7.69 -12.57
C THR A 337 16.32 -6.37 -11.92
N SER A 338 15.02 -6.11 -11.86
CA SER A 338 14.52 -4.77 -11.51
C SER A 338 15.00 -4.26 -10.13
N PHE A 339 14.91 -5.12 -9.14
CA PHE A 339 15.26 -4.78 -7.77
C PHE A 339 16.71 -4.31 -7.67
N THR A 340 17.67 -5.09 -8.21
CA THR A 340 19.04 -4.66 -8.19
C THR A 340 19.34 -3.54 -9.16
N ASP A 341 18.62 -3.49 -10.29
CA ASP A 341 18.85 -2.41 -11.26
C ASP A 341 18.59 -1.04 -10.62
N LYS A 342 17.63 -0.98 -9.68
CA LYS A 342 17.24 0.26 -9.07
C LYS A 342 17.88 0.54 -7.72
N GLY A 343 18.92 -0.25 -7.39
CA GLY A 343 19.76 0.00 -6.22
C GLY A 343 19.68 -1.05 -5.14
N GLY A 344 18.72 -1.97 -5.27
CA GLY A 344 18.65 -3.07 -4.36
C GLY A 344 18.53 -2.72 -2.90
N LEU A 345 19.01 -3.62 -2.06
CA LEU A 345 18.82 -3.48 -0.63
C LEU A 345 19.47 -2.23 -0.06
N ALA A 346 20.66 -1.86 -0.52
CA ALA A 346 21.31 -0.65 -0.04
C ALA A 346 20.44 0.59 -0.27
N GLN A 347 19.74 0.60 -1.40
CA GLN A 347 18.97 1.75 -1.77
C GLN A 347 17.66 1.83 -0.97
N ILE A 348 17.00 0.70 -0.73
CA ILE A 348 15.80 0.73 0.11
C ILE A 348 16.19 0.97 1.56
N ASN A 349 17.39 0.59 1.95
CA ASN A 349 17.82 0.83 3.32
C ASN A 349 17.87 2.33 3.63
N LYS A 350 18.14 3.14 2.60
CA LYS A 350 18.13 4.59 2.78
C LYS A 350 16.73 5.05 3.19
N ALA A 351 15.70 4.40 2.65
CA ALA A 351 14.34 4.75 3.02
C ALA A 351 14.10 4.34 4.48
N PHE A 352 14.54 3.15 4.86
CA PHE A 352 14.44 2.70 6.24
C PHE A 352 15.12 3.64 7.22
N GLN A 353 16.19 4.31 6.78
CA GLN A 353 16.88 5.28 7.61
C GLN A 353 16.19 6.63 7.71
N GLY A 354 15.31 6.91 6.75
CA GLY A 354 14.51 8.14 6.77
C GLY A 354 13.12 7.88 7.38
N GLY A 355 12.24 8.86 7.23
CA GLY A 355 10.88 8.69 7.68
C GLY A 355 10.02 8.05 6.59
N MET A 356 9.14 7.14 6.99
CA MET A 356 8.13 6.60 6.11
C MET A 356 6.76 6.62 6.81
N VAL A 357 5.74 6.76 5.98
CA VAL A 357 4.35 6.82 6.41
C VAL A 357 3.68 5.46 6.32
N LEU A 358 2.91 5.14 7.36
CA LEU A 358 2.15 3.89 7.40
C LEU A 358 0.86 4.03 6.61
N VAL A 359 0.68 3.12 5.67
CA VAL A 359 -0.51 3.04 4.81
C VAL A 359 -1.25 1.73 5.12
N MET A 360 -2.56 1.85 5.25
CA MET A 360 -3.42 0.68 5.43
C MET A 360 -4.55 0.77 4.40
N SER A 361 -4.78 -0.31 3.65
CA SER A 361 -5.61 -0.20 2.45
C SER A 361 -6.34 -1.50 2.19
N LEU A 362 -7.32 -1.42 1.29
CA LEU A 362 -8.08 -2.57 0.80
C LEU A 362 -8.43 -2.29 -0.63
N TRP A 363 -8.03 -3.19 -1.51
CA TRP A 363 -8.24 -2.96 -2.92
C TRP A 363 -8.34 -4.27 -3.72
N ASP A 364 -8.93 -4.13 -4.92
CA ASP A 364 -8.85 -5.13 -6.00
C ASP A 364 -7.97 -4.55 -7.12
N ASP A 365 -7.65 -5.35 -8.13
CA ASP A 365 -6.56 -5.04 -9.05
C ASP A 365 -7.10 -4.97 -10.47
N TYR A 366 -7.23 -3.74 -10.96
CA TYR A 366 -7.79 -3.47 -12.29
C TYR A 366 -6.78 -3.64 -13.42
N ALA A 367 -5.55 -4.01 -13.08
CA ALA A 367 -4.55 -4.37 -14.10
C ALA A 367 -4.50 -5.86 -14.34
N VAL A 368 -4.17 -6.64 -13.31
CA VAL A 368 -4.00 -8.09 -13.50
C VAL A 368 -4.64 -8.98 -12.44
N ASN A 369 -5.72 -8.49 -11.83
CA ASN A 369 -6.65 -9.35 -11.09
C ASN A 369 -6.02 -10.00 -9.87
N MET A 370 -4.96 -9.39 -9.34
CA MET A 370 -4.25 -9.89 -8.16
C MET A 370 -3.54 -11.25 -8.37
N LEU A 371 -3.34 -11.63 -9.63
CA LEU A 371 -2.77 -12.98 -9.93
C LEU A 371 -1.32 -13.07 -9.51
N TRP A 372 -0.65 -11.93 -9.51
CA TRP A 372 0.73 -11.78 -9.04
C TRP A 372 0.90 -12.16 -7.58
N LEU A 373 -0.16 -12.00 -6.82
CA LEU A 373 -0.12 -12.30 -5.41
C LEU A 373 -0.55 -13.73 -5.12
N ASP A 374 -1.63 -14.19 -5.78
CA ASP A 374 -2.34 -15.38 -5.31
C ASP A 374 -2.62 -16.45 -6.35
N SER A 375 -2.05 -16.31 -7.54
CA SER A 375 -2.28 -17.31 -8.61
C SER A 375 -0.97 -17.61 -9.34
N THR A 376 -1.09 -18.08 -10.58
CA THR A 376 0.04 -18.23 -11.47
C THR A 376 0.19 -16.95 -12.29
N TYR A 377 1.42 -16.47 -12.40
CA TYR A 377 1.68 -15.21 -13.06
C TYR A 377 3.16 -15.17 -13.46
N PRO A 378 3.50 -14.50 -14.59
CA PRO A 378 2.62 -13.87 -15.57
C PRO A 378 1.83 -14.90 -16.38
N THR A 379 0.97 -14.40 -17.25
CA THR A 379 0.08 -15.28 -17.98
C THR A 379 0.86 -16.14 -18.98
N ASN A 380 2.03 -15.67 -19.41
CA ASN A 380 2.86 -16.46 -20.33
C ASN A 380 3.86 -17.38 -19.61
N ALA A 381 3.61 -17.60 -18.32
CA ALA A 381 4.16 -18.74 -17.56
C ALA A 381 3.10 -19.85 -17.31
N THR A 382 3.59 -21.05 -16.97
CA THR A 382 2.74 -22.13 -16.42
C THR A 382 3.24 -22.51 -15.02
N ALA A 383 2.49 -23.38 -14.35
CA ALA A 383 2.81 -23.81 -12.98
C ALA A 383 4.20 -24.42 -12.80
N SER A 384 4.78 -24.98 -13.87
CA SER A 384 6.14 -25.54 -13.84
C SER A 384 7.25 -24.49 -13.71
N THR A 385 7.04 -23.35 -14.36
CA THR A 385 8.03 -22.26 -14.45
C THR A 385 8.42 -21.80 -13.03
N PRO A 386 9.74 -21.68 -12.74
CA PRO A 386 10.14 -21.47 -11.34
C PRO A 386 9.59 -20.16 -10.79
N GLY A 387 8.87 -20.23 -9.67
CA GLY A 387 8.28 -19.05 -9.06
C GLY A 387 7.00 -18.57 -9.71
N ALA A 388 6.45 -19.30 -10.69
CA ALA A 388 5.26 -18.79 -11.36
C ALA A 388 4.05 -18.82 -10.46
N LYS A 389 3.95 -19.85 -9.61
CA LYS A 389 2.75 -20.05 -8.82
C LYS A 389 2.91 -19.40 -7.44
N ARG A 390 2.06 -18.41 -7.16
CA ARG A 390 2.17 -17.60 -5.95
C ARG A 390 1.05 -17.84 -4.95
N GLY A 391 0.02 -18.55 -5.37
CA GLY A 391 -1.03 -19.02 -4.49
C GLY A 391 -1.88 -20.00 -5.29
N SER A 392 -2.97 -20.44 -4.67
CA SER A 392 -3.80 -21.50 -5.20
C SER A 392 -5.05 -21.01 -5.93
N CYS A 393 -5.15 -19.70 -6.13
CA CYS A 393 -6.31 -19.11 -6.80
C CYS A 393 -6.29 -19.43 -8.29
N SER A 394 -7.49 -19.58 -8.83
CA SER A 394 -7.67 -19.81 -10.26
C SER A 394 -7.03 -18.69 -11.09
N THR A 395 -6.49 -19.00 -12.26
CA THR A 395 -5.99 -17.97 -13.15
C THR A 395 -7.12 -17.10 -13.74
N SER A 396 -8.37 -17.50 -13.54
CA SER A 396 -9.53 -16.70 -13.95
CA SER A 396 -9.52 -16.69 -13.95
C SER A 396 -10.15 -15.94 -12.77
N SER A 397 -9.49 -15.97 -11.59
CA SER A 397 -10.01 -15.28 -10.42
C SER A 397 -9.63 -13.80 -10.40
N GLY A 398 -10.34 -13.03 -9.57
CA GLY A 398 -9.93 -11.68 -9.25
C GLY A 398 -10.31 -10.58 -10.22
N VAL A 399 -11.11 -10.87 -11.23
CA VAL A 399 -11.65 -9.79 -12.07
C VAL A 399 -12.41 -8.79 -11.20
N PRO A 400 -12.04 -7.51 -11.22
CA PRO A 400 -12.66 -6.60 -10.27
C PRO A 400 -14.18 -6.60 -10.28
N ALA A 401 -14.81 -6.47 -11.44
CA ALA A 401 -16.28 -6.44 -11.46
C ALA A 401 -16.90 -7.72 -10.88
N GLN A 402 -16.20 -8.84 -11.04
CA GLN A 402 -16.69 -10.13 -10.55
CA GLN A 402 -16.70 -10.12 -10.54
C GLN A 402 -16.58 -10.23 -9.01
N VAL A 403 -15.42 -9.88 -8.46
CA VAL A 403 -15.28 -9.90 -7.01
C VAL A 403 -16.09 -8.83 -6.30
N GLU A 404 -16.32 -7.70 -6.95
CA GLU A 404 -17.17 -6.66 -6.38
C GLU A 404 -18.62 -7.14 -6.32
N ALA A 405 -19.01 -7.93 -7.32
CA ALA A 405 -20.38 -8.49 -7.34
C ALA A 405 -20.55 -9.66 -6.39
N GLN A 406 -19.54 -10.51 -6.32
CA GLN A 406 -19.62 -11.73 -5.54
C GLN A 406 -19.32 -11.52 -4.07
N SER A 407 -18.37 -10.63 -3.78
CA SER A 407 -17.82 -10.51 -2.45
C SER A 407 -17.76 -9.08 -1.91
N PRO A 408 -18.84 -8.33 -2.05
CA PRO A 408 -18.81 -6.89 -1.66
C PRO A 408 -18.51 -6.62 -0.18
N ASN A 409 -18.89 -7.57 0.68
CA ASN A 409 -18.75 -7.42 2.12
C ASN A 409 -17.43 -7.97 2.64
N SER A 410 -16.52 -8.29 1.74
CA SER A 410 -15.15 -8.55 2.13
C SER A 410 -14.65 -7.39 2.97
N LYS A 411 -13.71 -7.69 3.86
CA LYS A 411 -13.20 -6.65 4.79
C LYS A 411 -11.87 -7.13 5.32
N VAL A 412 -11.09 -6.18 5.83
CA VAL A 412 -9.84 -6.47 6.56
C VAL A 412 -9.90 -5.67 7.85
N ILE A 413 -9.32 -6.25 8.89
CA ILE A 413 -9.19 -5.56 10.16
C ILE A 413 -7.74 -5.59 10.56
N TYR A 414 -7.16 -4.39 10.73
CA TYR A 414 -5.81 -4.22 11.23
C TYR A 414 -5.92 -3.72 12.68
N SER A 415 -5.16 -4.32 13.59
CA SER A 415 -5.26 -3.93 14.96
C SER A 415 -3.94 -4.11 15.71
N ASN A 416 -3.91 -3.62 16.93
CA ASN A 416 -2.76 -3.88 17.83
C ASN A 416 -1.42 -3.58 17.15
N ILE A 417 -1.35 -2.40 16.54
CA ILE A 417 -0.10 -1.88 15.98
C ILE A 417 0.88 -1.56 17.10
N ARG A 418 2.11 -2.07 16.95
CA ARG A 418 3.19 -1.83 17.92
CA ARG A 418 3.18 -1.82 17.92
C ARG A 418 4.47 -1.54 17.16
N PHE A 419 5.24 -0.58 17.66
CA PHE A 419 6.48 -0.18 17.00
C PHE A 419 7.54 0.18 18.04
N GLY A 420 8.77 -0.28 17.82
CA GLY A 420 9.87 0.07 18.71
C GLY A 420 11.12 -0.65 18.27
N PRO A 421 12.18 -0.56 19.07
CA PRO A 421 13.40 -1.25 18.73
C PRO A 421 13.20 -2.74 18.54
N ILE A 422 14.05 -3.35 17.74
CA ILE A 422 13.99 -4.80 17.56
C ILE A 422 14.00 -5.47 18.92
N GLY A 423 13.07 -6.38 19.11
CA GLY A 423 12.95 -7.11 20.36
C GLY A 423 11.92 -6.56 21.34
N SER A 424 11.35 -5.40 21.05
CA SER A 424 10.59 -4.67 22.06
C SER A 424 9.09 -4.86 21.99
N THR A 425 8.55 -5.31 20.85
CA THR A 425 7.09 -5.27 20.66
C THR A 425 6.35 -6.49 21.20
N GLY A 426 7.07 -7.54 21.61
CA GLY A 426 6.43 -8.79 22.07
C GLY A 426 6.44 -8.97 23.56
C1 NAG B . 5.90 -25.52 5.84
C2 NAG B . 6.84 -26.73 5.89
C3 NAG B . 6.39 -27.51 7.12
C4 NAG B . 6.45 -26.60 8.36
C5 NAG B . 5.83 -25.19 8.16
C6 NAG B . 6.13 -24.26 9.34
C7 NAG B . 7.84 -27.67 3.80
C8 NAG B . 7.66 -28.64 2.68
N2 NAG B . 6.84 -27.58 4.70
O3 NAG B . 7.19 -28.68 7.25
O4 NAG B . 5.71 -27.21 9.39
O5 NAG B . 6.20 -24.64 6.90
O6 NAG B . 7.49 -23.83 9.28
O7 NAG B . 8.89 -27.03 3.81
C1 NAG C . 2.05 17.37 14.71
C2 NAG C . 2.53 18.40 15.74
C3 NAG C . 4.04 18.59 15.64
C4 NAG C . 4.77 17.27 15.42
C5 NAG C . 4.08 16.38 14.40
C6 NAG C . 4.75 15.01 14.22
C7 NAG C . 0.88 20.09 16.45
C8 NAG C . 0.27 21.46 16.18
N2 NAG C . 1.83 19.67 15.62
O3 NAG C . 4.50 19.21 16.84
O4 NAG C . 6.08 17.48 14.95
O5 NAG C . 2.78 16.16 14.87
O6 NAG C . 4.98 14.40 15.48
O7 NAG C . 0.46 19.41 17.39
C1 NAG D . 6.19 -12.63 -20.74
C2 NAG D . 7.06 -12.25 -21.94
C3 NAG D . 7.66 -10.88 -21.66
C4 NAG D . 6.56 -9.90 -21.28
C5 NAG D . 5.69 -10.47 -20.15
C6 NAG D . 4.52 -9.59 -19.71
C7 NAG D . 8.10 -13.95 -23.38
C8 NAG D . 9.18 -14.98 -23.47
N2 NAG D . 8.02 -13.29 -22.20
O3 NAG D . 8.28 -10.42 -22.84
O4 NAG D . 7.16 -8.67 -20.92
O5 NAG D . 5.15 -11.70 -20.60
O6 NAG D . 4.06 -10.02 -18.43
O7 NAG D . 7.38 -13.72 -24.39
O1 PE4 E . -18.12 24.21 -0.79
C1 PE4 E . -17.84 24.87 -2.01
C2 PE4 E . -18.20 26.32 -1.95
O2 PE4 E . -19.51 26.54 -1.48
C3 PE4 E . -20.54 26.18 -2.40
C4 PE4 E . -21.69 27.20 -2.41
O3 PE4 E . -22.92 26.70 -2.99
C5 PE4 E . -23.27 25.41 -2.51
C6 PE4 E . -24.64 24.93 -2.86
O4 PE4 E . -24.93 23.87 -1.94
C7 PE4 E . -25.77 24.28 -0.86
C8 PE4 E . -25.41 23.61 0.45
O5 PE4 E . -25.74 24.54 1.50
C9 PE4 E . -24.77 24.63 2.55
C10 PE4 E . -24.86 25.98 3.25
O6 PE4 E . -23.62 26.28 3.91
C11 PE4 E . -23.54 27.65 4.32
C1 PEG F . 5.58 -8.41 -11.21
O1 PEG F . 6.02 -9.42 -12.13
C2 PEG F . 4.31 -7.78 -11.76
O2 PEG F . 3.37 -7.38 -10.76
C3 PEG F . 2.06 -7.12 -11.31
C4 PEG F . 1.97 -5.72 -11.91
O4 PEG F . 0.96 -5.57 -12.92
#